data_7N8M
#
_entry.id   7N8M
#
_cell.length_a   134.759
_cell.length_b   63.709
_cell.length_c   79.669
_cell.angle_alpha   90.000
_cell.angle_beta   123.334
_cell.angle_gamma   90.000
#
_symmetry.space_group_name_H-M   'C 1 2 1'
#
loop_
_entity.id
_entity.type
_entity.pdbx_description
1 polymer "4'-phosphopantetheinyl transferase PptT"
2 non-polymer 'COENZYME A'
3 non-polymer "N-(2,6-diethylphenyl)-N'-(N-methylcarbamimidoyl)urea"
4 non-polymer 'MAGNESIUM ION'
5 non-polymer GLYCEROL
6 non-polymer 'DIMETHYL SULFOXIDE'
7 water water
#
_entity_poly.entity_id   1
_entity_poly.type   'polypeptide(L)'
_entity_poly.pdbx_seq_one_letter_code
;MTVGTLVASVLPATVFEDLAYAELYSDPPGLTPLPEEAPLIARSVAKRRNEFITVRHCARIALDQLGVPPAPILKGDKGE
PCWPDGMVGSLTHCAGYRGAVVGRRDAVRSVGIDAEPHDVLPNGVLDAISLPAERADMPRTMPAALHWDRILFCAKEATY
KAWFPLTKRWLGFEDAHITFETDSTGWTGRFVSRILIDGSTLSGPPLTTLRGRWSVERGLVLTAIVLAGENLYFQSAGHH
HHHH
;
_entity_poly.pdbx_strand_id   A,B
#
loop_
_chem_comp.id
_chem_comp.type
_chem_comp.name
_chem_comp.formula
17I non-polymer N-(2,6-diethylphenyl)-N'-(N-methylcarbamimidoyl)urea 'C13 H20 N4 O'
COA non-polymer 'COENZYME A' 'C21 H36 N7 O16 P3 S'
DMS non-polymer 'DIMETHYL SULFOXIDE' 'C2 H6 O S'
GOL non-polymer GLYCEROL 'C3 H8 O3'
MG non-polymer 'MAGNESIUM ION' 'Mg 2'
#
# COMPACT_ATOMS: atom_id res chain seq x y z
N THR A 5 -6.84 0.54 -28.96
CA THR A 5 -6.51 0.86 -27.57
C THR A 5 -6.79 -0.29 -26.61
N LEU A 6 -6.12 -0.25 -25.47
CA LEU A 6 -6.36 -1.23 -24.43
C LEU A 6 -7.63 -0.91 -23.65
N VAL A 7 -7.88 0.37 -23.37
CA VAL A 7 -9.02 0.68 -22.51
C VAL A 7 -10.35 0.46 -23.20
N ALA A 8 -10.40 0.47 -24.53
CA ALA A 8 -11.69 0.23 -25.18
C ALA A 8 -12.24 -1.15 -24.82
N SER A 9 -11.36 -2.10 -24.53
CA SER A 9 -11.80 -3.45 -24.18
C SER A 9 -12.52 -3.52 -22.84
N VAL A 10 -12.49 -2.46 -22.02
CA VAL A 10 -13.20 -2.48 -20.76
C VAL A 10 -14.29 -1.41 -20.68
N LEU A 11 -14.66 -0.81 -21.83
CA LEU A 11 -15.67 0.22 -21.87
C LEU A 11 -16.91 -0.29 -22.60
N PRO A 12 -18.11 0.23 -22.26
CA PRO A 12 -19.33 -0.14 -22.97
C PRO A 12 -19.40 0.51 -24.34
CA GLU A 17 -21.25 10.66 -28.05
C GLU A 17 -21.16 11.19 -26.62
N ASP A 18 -21.30 10.29 -25.66
CA ASP A 18 -21.29 10.65 -24.25
C ASP A 18 -20.05 10.15 -23.51
N LEU A 19 -19.18 9.37 -24.15
CA LEU A 19 -18.01 8.80 -23.51
C LEU A 19 -16.83 8.84 -24.48
N ALA A 20 -15.64 9.21 -23.99
CA ALA A 20 -14.46 9.28 -24.83
C ALA A 20 -13.23 8.87 -24.04
N TYR A 21 -12.17 8.50 -24.75
CA TYR A 21 -10.97 8.00 -24.10
C TYR A 21 -9.74 8.28 -24.97
N ALA A 22 -8.58 8.25 -24.32
CA ALA A 22 -7.29 8.39 -24.97
C ALA A 22 -6.23 7.77 -24.08
N GLU A 23 -5.24 7.13 -24.69
CA GLU A 23 -4.16 6.53 -23.92
C GLU A 23 -2.85 6.62 -24.68
N LEU A 24 -1.76 6.58 -23.92
CA LEU A 24 -0.40 6.57 -24.46
C LEU A 24 0.43 5.60 -23.64
N TYR A 25 1.53 5.12 -24.23
CA TYR A 25 2.35 4.11 -23.57
C TYR A 25 3.74 4.63 -23.24
N SER A 26 3.99 5.90 -23.55
CA SER A 26 5.24 6.56 -23.28
C SER A 26 4.91 8.02 -22.97
N ASP A 27 5.94 8.82 -22.78
CA ASP A 27 5.75 10.24 -22.51
C ASP A 27 6.30 11.01 -23.71
N PRO A 28 5.46 11.52 -24.59
CA PRO A 28 5.96 12.21 -25.78
C PRO A 28 6.78 13.43 -25.38
N PRO A 29 7.93 13.63 -26.01
CA PRO A 29 8.82 14.71 -25.58
C PRO A 29 8.18 16.05 -25.89
N GLY A 30 8.64 17.08 -25.19
CA GLY A 30 8.12 18.40 -25.46
C GLY A 30 6.68 18.63 -25.06
N LEU A 31 6.11 17.79 -24.18
CA LEU A 31 4.78 18.07 -23.65
C LEU A 31 4.93 18.99 -22.45
N THR A 32 3.96 19.89 -22.29
CA THR A 32 4.00 20.83 -21.18
C THR A 32 2.66 20.80 -20.45
N PRO A 33 2.67 21.11 -19.16
CA PRO A 33 1.39 21.30 -18.46
C PRO A 33 0.82 22.66 -18.82
N LEU A 34 -0.48 22.78 -18.62
CA LEU A 34 -1.08 24.11 -18.69
C LEU A 34 -0.54 24.95 -17.54
N PRO A 35 -0.50 26.28 -17.71
CA PRO A 35 0.03 27.13 -16.63
C PRO A 35 -0.62 26.89 -15.27
N GLU A 36 -1.92 26.65 -15.25
CA GLU A 36 -2.61 26.40 -13.99
C GLU A 36 -2.16 25.11 -13.33
N GLU A 37 -1.67 24.15 -14.13
CA GLU A 37 -1.25 22.85 -13.62
C GLU A 37 0.21 22.86 -13.16
N ALA A 38 1.04 23.72 -13.74
CA ALA A 38 2.47 23.73 -13.43
C ALA A 38 2.79 23.77 -11.93
N PRO A 39 2.10 24.56 -11.08
CA PRO A 39 2.48 24.57 -9.66
C PRO A 39 2.34 23.21 -8.99
N LEU A 40 1.38 22.39 -9.44
CA LEU A 40 1.15 21.10 -8.81
C LEU A 40 2.34 20.16 -8.94
N ILE A 41 3.25 20.40 -9.89
CA ILE A 41 4.39 19.53 -10.08
C ILE A 41 5.70 20.31 -10.11
N ALA A 42 5.66 21.57 -9.63
CA ALA A 42 6.85 22.42 -9.71
C ALA A 42 8.07 21.79 -9.06
N ARG A 43 7.88 21.11 -7.93
CA ARG A 43 8.98 20.51 -7.19
C ARG A 43 8.98 18.99 -7.27
N SER A 44 8.29 18.41 -8.25
CA SER A 44 8.14 16.96 -8.35
C SER A 44 9.29 16.35 -9.16
N VAL A 45 9.63 15.10 -8.83
CA VAL A 45 10.65 14.37 -9.58
C VAL A 45 10.19 14.13 -11.02
N ALA A 46 11.15 13.85 -11.90
CA ALA A 46 10.88 13.77 -13.33
C ALA A 46 9.79 12.75 -13.67
N LYS A 47 9.85 11.57 -13.05
CA LYS A 47 8.87 10.52 -13.36
C LYS A 47 7.46 10.98 -13.04
N ARG A 48 7.30 11.76 -11.96
CA ARG A 48 5.98 12.26 -11.60
C ARG A 48 5.54 13.36 -12.54
N ARG A 49 6.43 14.29 -12.87
N ARG A 49 6.44 14.28 -12.89
CA ARG A 49 6.10 15.33 -13.83
CA ARG A 49 6.08 15.33 -13.83
C ARG A 49 5.65 14.71 -15.15
C ARG A 49 5.67 14.73 -15.17
N ASN A 50 6.39 13.71 -15.63
CA ASN A 50 6.09 13.12 -16.93
C ASN A 50 4.73 12.45 -16.94
N GLU A 51 4.43 11.60 -15.94
CA GLU A 51 3.15 10.90 -15.95
C GLU A 51 2.01 11.90 -15.81
N PHE A 52 2.24 12.95 -15.02
CA PHE A 52 1.19 13.94 -14.77
C PHE A 52 0.85 14.70 -16.05
N ILE A 53 1.88 15.13 -16.78
CA ILE A 53 1.70 15.87 -18.01
C ILE A 53 1.08 14.99 -19.09
N THR A 54 1.60 13.77 -19.25
CA THR A 54 1.08 12.90 -20.32
C THR A 54 -0.36 12.49 -20.06
N VAL A 55 -0.71 12.17 -18.82
CA VAL A 55 -2.09 11.71 -18.60
C VAL A 55 -3.07 12.86 -18.79
N ARG A 56 -2.66 14.10 -18.50
CA ARG A 56 -3.55 15.23 -18.72
C ARG A 56 -3.66 15.62 -20.19
N HIS A 57 -2.61 15.38 -20.98
CA HIS A 57 -2.78 15.52 -22.41
C HIS A 57 -3.77 14.50 -22.95
N CYS A 58 -3.69 13.24 -22.48
CA CYS A 58 -4.70 12.26 -22.85
C CYS A 58 -6.10 12.74 -22.45
N ALA A 59 -6.23 13.25 -21.23
CA ALA A 59 -7.55 13.71 -20.82
C ALA A 59 -8.08 14.81 -21.74
N ARG A 60 -7.22 15.75 -22.12
CA ARG A 60 -7.66 16.83 -23.01
C ARG A 60 -8.00 16.31 -24.41
N ILE A 61 -7.28 15.29 -24.90
N ILE A 61 -7.27 15.30 -24.90
CA ILE A 61 -7.66 14.67 -26.17
CA ILE A 61 -7.66 14.67 -26.16
C ILE A 61 -9.06 14.06 -26.06
C ILE A 61 -9.06 14.07 -26.05
N ALA A 62 -9.32 13.37 -24.94
CA ALA A 62 -10.63 12.77 -24.75
C ALA A 62 -11.72 13.83 -24.58
N LEU A 63 -11.45 14.86 -23.78
CA LEU A 63 -12.45 15.90 -23.57
C LEU A 63 -12.76 16.64 -24.86
N ASP A 64 -11.76 16.78 -25.74
CA ASP A 64 -11.99 17.46 -27.02
C ASP A 64 -13.02 16.69 -27.86
N GLN A 65 -12.98 15.36 -27.81
N GLN A 65 -12.99 15.36 -27.80
CA GLN A 65 -13.97 14.56 -28.53
CA GLN A 65 -13.95 14.56 -28.54
C GLN A 65 -15.38 14.87 -28.06
C GLN A 65 -15.38 14.72 -28.03
N LEU A 66 -15.55 15.16 -26.77
CA LEU A 66 -16.85 15.50 -26.22
C LEU A 66 -17.15 16.98 -26.36
N GLY A 67 -16.39 17.72 -27.17
CA GLY A 67 -16.71 19.11 -27.41
C GLY A 67 -16.17 20.11 -26.41
N VAL A 68 -15.25 19.71 -25.54
CA VAL A 68 -14.80 20.54 -24.43
C VAL A 68 -13.45 21.17 -24.77
N PRO A 69 -13.30 22.50 -24.62
CA PRO A 69 -12.01 23.13 -24.92
C PRO A 69 -10.94 22.70 -23.95
N PRO A 70 -9.67 22.76 -24.35
CA PRO A 70 -8.57 22.40 -23.44
C PRO A 70 -8.64 23.20 -22.15
N ALA A 71 -8.57 22.49 -21.03
CA ALA A 71 -8.70 23.09 -19.71
C ALA A 71 -7.77 22.38 -18.76
N PRO A 72 -7.29 23.08 -17.72
CA PRO A 72 -6.46 22.42 -16.71
C PRO A 72 -7.28 21.43 -15.88
N ILE A 73 -6.62 20.36 -15.47
N ILE A 73 -6.61 20.39 -15.45
CA ILE A 73 -7.25 19.35 -14.62
CA ILE A 73 -7.20 19.35 -14.61
C ILE A 73 -6.51 19.39 -13.29
C ILE A 73 -6.48 19.41 -13.28
N LEU A 74 -7.05 20.16 -12.34
CA LEU A 74 -6.43 20.30 -11.03
C LEU A 74 -6.87 19.14 -10.15
N LYS A 75 -6.48 19.17 -8.88
CA LYS A 75 -6.71 18.07 -7.96
C LYS A 75 -7.38 18.61 -6.70
N GLY A 76 -8.36 17.85 -6.19
CA GLY A 76 -9.08 18.23 -5.00
C GLY A 76 -8.36 17.77 -3.74
N ASP A 77 -9.07 17.93 -2.61
CA ASP A 77 -8.45 17.72 -1.30
C ASP A 77 -7.96 16.29 -1.11
N LYS A 78 -8.64 15.30 -1.69
CA LYS A 78 -8.22 13.91 -1.61
C LYS A 78 -7.55 13.44 -2.90
N GLY A 79 -7.00 14.38 -3.68
CA GLY A 79 -6.25 14.07 -4.89
C GLY A 79 -7.09 13.84 -6.13
N GLU A 80 -8.41 13.92 -6.01
CA GLU A 80 -9.31 13.58 -7.10
C GLU A 80 -9.24 14.64 -8.19
N PRO A 81 -9.34 14.25 -9.46
CA PRO A 81 -9.25 15.24 -10.55
C PRO A 81 -10.47 16.13 -10.60
N CYS A 82 -10.25 17.38 -11.01
CA CYS A 82 -11.32 18.37 -11.13
C CYS A 82 -11.64 18.56 -12.61
N TRP A 83 -12.81 18.10 -13.03
CA TRP A 83 -13.22 18.07 -14.43
C TRP A 83 -13.94 19.35 -14.84
N PRO A 84 -13.92 19.67 -16.13
CA PRO A 84 -14.72 20.82 -16.60
C PRO A 84 -16.19 20.62 -16.27
N ASP A 85 -16.93 21.73 -16.30
N ASP A 85 -16.93 21.72 -16.31
CA ASP A 85 -18.36 21.70 -15.96
CA ASP A 85 -18.34 21.67 -15.92
C ASP A 85 -19.11 20.70 -16.83
C ASP A 85 -19.12 20.72 -16.82
N GLY A 86 -19.97 19.91 -16.20
CA GLY A 86 -20.79 18.95 -16.91
C GLY A 86 -20.08 17.68 -17.32
N MET A 87 -18.85 17.47 -16.87
N MET A 87 -18.83 17.47 -16.91
CA MET A 87 -18.04 16.34 -17.26
CA MET A 87 -18.04 16.31 -17.31
C MET A 87 -17.66 15.51 -16.04
C MET A 87 -17.54 15.54 -16.10
N VAL A 88 -17.45 14.22 -16.27
CA VAL A 88 -16.88 13.31 -15.27
C VAL A 88 -15.77 12.50 -15.95
N GLY A 89 -14.93 11.86 -15.14
CA GLY A 89 -13.85 11.11 -15.77
C GLY A 89 -12.98 10.40 -14.76
N SER A 90 -11.98 9.69 -15.28
CA SER A 90 -10.98 9.07 -14.42
C SER A 90 -9.65 9.01 -15.15
N LEU A 91 -8.56 9.03 -14.38
CA LEU A 91 -7.19 8.98 -14.87
C LEU A 91 -6.44 7.81 -14.24
N THR A 92 -5.45 7.25 -14.97
CA THR A 92 -4.57 6.25 -14.37
C THR A 92 -3.22 6.30 -15.06
N HIS A 93 -2.16 6.01 -14.31
CA HIS A 93 -0.83 5.86 -14.88
C HIS A 93 -0.10 4.76 -14.14
N CYS A 94 0.62 3.95 -14.90
CA CYS A 94 1.52 2.96 -14.32
C CYS A 94 2.68 2.83 -15.30
N ALA A 95 3.63 1.96 -14.98
CA ALA A 95 4.72 1.76 -15.91
C ALA A 95 4.15 1.33 -17.25
N GLY A 96 4.53 2.06 -18.30
CA GLY A 96 4.10 1.77 -19.64
C GLY A 96 2.68 2.17 -20.00
N TYR A 97 1.99 2.97 -19.20
CA TYR A 97 0.62 3.30 -19.55
C TYR A 97 0.19 4.63 -18.95
N ARG A 98 -0.52 5.43 -19.75
CA ARG A 98 -1.25 6.60 -19.28
C ARG A 98 -2.62 6.57 -19.94
N GLY A 99 -3.68 6.75 -19.18
CA GLY A 99 -5.00 6.69 -19.76
C GLY A 99 -5.98 7.62 -19.09
N ALA A 100 -6.96 8.06 -19.86
CA ALA A 100 -8.05 8.92 -19.45
C ALA A 100 -9.32 8.45 -20.12
N VAL A 101 -10.39 8.39 -19.34
CA VAL A 101 -11.73 8.16 -19.85
C VAL A 101 -12.61 9.24 -19.26
N VAL A 102 -13.40 9.89 -20.12
CA VAL A 102 -14.25 10.99 -19.69
C VAL A 102 -15.67 10.78 -20.21
N GLY A 103 -16.64 11.34 -19.49
CA GLY A 103 -18.03 11.20 -19.89
C GLY A 103 -18.81 12.47 -19.66
N ARG A 104 -19.89 12.59 -20.43
CA ARG A 104 -20.86 13.67 -20.28
C ARG A 104 -21.75 13.35 -19.10
N ARG A 105 -21.84 14.26 -18.12
CA ARG A 105 -22.44 13.91 -16.84
C ARG A 105 -23.92 13.59 -16.94
N ASP A 106 -24.66 14.22 -17.86
CA ASP A 106 -26.07 13.87 -17.98
C ASP A 106 -26.25 12.39 -18.30
N ALA A 107 -25.39 11.83 -19.14
CA ALA A 107 -25.49 10.42 -19.51
C ALA A 107 -24.59 9.52 -18.68
N VAL A 108 -23.55 10.06 -18.06
CA VAL A 108 -22.55 9.27 -17.34
C VAL A 108 -22.44 9.85 -15.94
N ARG A 109 -22.83 9.08 -14.93
CA ARG A 109 -22.78 9.58 -13.56
C ARG A 109 -21.37 9.60 -13.02
N SER A 110 -20.56 8.59 -13.32
CA SER A 110 -19.21 8.52 -12.82
C SER A 110 -18.41 7.53 -13.65
N VAL A 111 -17.10 7.71 -13.64
CA VAL A 111 -16.14 6.81 -14.27
C VAL A 111 -15.02 6.51 -13.29
N GLY A 112 -14.57 5.26 -13.28
CA GLY A 112 -13.31 4.92 -12.63
C GLY A 112 -12.53 3.95 -13.47
N ILE A 113 -11.22 4.18 -13.62
CA ILE A 113 -10.37 3.30 -14.42
C ILE A 113 -9.07 3.02 -13.66
N ASP A 114 -8.43 1.93 -14.05
CA ASP A 114 -7.13 1.65 -13.48
C ASP A 114 -6.34 0.77 -14.43
N ALA A 115 -5.02 0.95 -14.42
CA ALA A 115 -4.09 0.14 -15.18
C ALA A 115 -2.93 -0.29 -14.29
N GLU A 116 -2.51 -1.54 -14.43
CA GLU A 116 -1.36 -2.06 -13.70
C GLU A 116 -0.58 -3.00 -14.60
N PRO A 117 0.73 -3.14 -14.38
CA PRO A 117 1.47 -4.22 -15.03
C PRO A 117 0.89 -5.56 -14.64
N HIS A 118 0.81 -6.48 -15.62
CA HIS A 118 0.21 -7.78 -15.37
C HIS A 118 1.26 -8.71 -14.76
N ASP A 119 1.53 -8.47 -13.48
CA ASP A 119 2.50 -9.22 -12.68
C ASP A 119 1.81 -9.66 -11.40
N VAL A 120 2.32 -10.74 -10.80
CA VAL A 120 1.89 -11.13 -9.46
C VAL A 120 2.06 -9.94 -8.51
N LEU A 121 1.20 -9.84 -7.51
CA LEU A 121 1.38 -8.82 -6.50
C LEU A 121 2.61 -9.13 -5.67
N PRO A 122 3.32 -8.11 -5.20
CA PRO A 122 4.42 -8.35 -4.27
C PRO A 122 3.91 -9.10 -3.04
N ASN A 123 4.79 -9.88 -2.42
CA ASN A 123 4.37 -10.66 -1.27
C ASN A 123 3.81 -9.74 -0.19
N GLY A 124 2.69 -10.15 0.41
CA GLY A 124 2.08 -9.38 1.46
C GLY A 124 0.99 -8.42 0.99
N VAL A 125 0.99 -8.05 -0.29
CA VAL A 125 0.06 -7.03 -0.75
C VAL A 125 -1.35 -7.60 -0.89
N LEU A 126 -1.48 -8.86 -1.32
CA LEU A 126 -2.80 -9.45 -1.51
C LEU A 126 -3.64 -9.38 -0.25
N ASP A 127 -3.05 -9.74 0.90
CA ASP A 127 -3.81 -9.71 2.14
C ASP A 127 -4.30 -8.30 2.50
N ALA A 128 -3.60 -7.27 2.04
CA ALA A 128 -3.96 -5.89 2.33
C ALA A 128 -5.00 -5.32 1.38
N ILE A 129 -5.29 -5.99 0.27
CA ILE A 129 -6.22 -5.41 -0.71
C ILE A 129 -7.43 -6.28 -0.99
N SER A 130 -7.58 -7.42 -0.31
CA SER A 130 -8.64 -8.37 -0.60
C SER A 130 -9.43 -8.75 0.64
N LEU A 131 -10.62 -9.34 0.38
CA LEU A 131 -11.45 -10.01 1.36
C LEU A 131 -11.26 -11.51 1.28
N PRO A 132 -11.52 -12.23 2.39
CA PRO A 132 -11.30 -13.68 2.38
C PRO A 132 -12.02 -14.44 1.28
N ALA A 133 -13.29 -14.11 0.99
CA ALA A 133 -14.00 -14.84 -0.04
C ALA A 133 -13.43 -14.56 -1.41
N GLU A 134 -12.85 -13.37 -1.61
CA GLU A 134 -12.22 -13.08 -2.89
C GLU A 134 -10.98 -13.95 -3.09
N ARG A 135 -10.16 -14.09 -2.05
CA ARG A 135 -8.99 -14.95 -2.19
C ARG A 135 -9.41 -16.39 -2.43
N ALA A 136 -10.50 -16.82 -1.81
CA ALA A 136 -10.92 -18.22 -1.95
C ALA A 136 -11.60 -18.49 -3.30
N ASP A 137 -12.44 -17.56 -3.76
CA ASP A 137 -13.38 -17.82 -4.85
C ASP A 137 -12.92 -17.28 -6.19
N MET A 138 -12.13 -16.23 -6.20
CA MET A 138 -11.84 -15.60 -7.46
C MET A 138 -10.99 -16.44 -8.41
N PRO A 139 -9.99 -17.20 -7.92
CA PRO A 139 -9.18 -17.99 -8.87
C PRO A 139 -9.97 -18.93 -9.76
N ARG A 140 -11.10 -19.46 -9.30
CA ARG A 140 -11.87 -20.40 -10.10
C ARG A 140 -12.69 -19.72 -11.18
N THR A 141 -12.94 -18.42 -11.05
CA THR A 141 -13.79 -17.71 -12.00
C THR A 141 -12.96 -17.02 -13.07
N MET A 142 -11.64 -17.12 -12.97
CA MET A 142 -10.69 -16.42 -13.79
C MET A 142 -9.84 -17.39 -14.60
N PRO A 143 -9.40 -16.99 -15.79
CA PRO A 143 -8.53 -17.87 -16.58
C PRO A 143 -7.24 -18.20 -15.85
N ALA A 144 -6.77 -19.44 -16.06
CA ALA A 144 -5.57 -19.94 -15.39
C ALA A 144 -4.31 -19.13 -15.71
N ALA A 145 -3.42 -19.08 -14.71
CA ALA A 145 -2.08 -18.50 -14.75
C ALA A 145 -2.04 -16.98 -14.92
N LEU A 146 -3.18 -16.38 -15.27
CA LEU A 146 -3.30 -14.93 -15.19
C LEU A 146 -3.21 -14.50 -13.74
N HIS A 147 -2.76 -13.26 -13.51
CA HIS A 147 -2.55 -12.77 -12.14
C HIS A 147 -3.86 -12.21 -11.59
N TRP A 148 -4.70 -13.13 -11.10
CA TRP A 148 -6.01 -12.76 -10.60
C TRP A 148 -5.89 -11.81 -9.42
N ASP A 149 -4.78 -11.93 -8.67
CA ASP A 149 -4.55 -11.04 -7.53
C ASP A 149 -4.34 -9.61 -7.99
N ARG A 150 -3.53 -9.41 -9.04
CA ARG A 150 -3.34 -8.08 -9.62
C ARG A 150 -4.64 -7.55 -10.23
N ILE A 151 -5.41 -8.42 -10.90
CA ILE A 151 -6.68 -7.98 -11.48
C ILE A 151 -7.65 -7.53 -10.40
N LEU A 152 -7.72 -8.28 -9.29
CA LEU A 152 -8.55 -7.87 -8.16
C LEU A 152 -8.16 -6.50 -7.65
N PHE A 153 -6.86 -6.29 -7.44
CA PHE A 153 -6.38 -4.98 -7.00
C PHE A 153 -6.83 -3.88 -7.96
N CYS A 154 -6.57 -4.09 -9.26
N CYS A 154 -6.68 -4.11 -9.28
CA CYS A 154 -6.95 -3.13 -10.28
CA CYS A 154 -7.13 -3.09 -10.25
C CYS A 154 -8.42 -2.76 -10.20
C CYS A 154 -8.62 -2.83 -10.16
N ALA A 155 -9.28 -3.76 -9.94
N ALA A 155 -9.42 -3.88 -9.94
CA ALA A 155 -10.71 -3.51 -9.85
CA ALA A 155 -10.85 -3.70 -9.78
C ALA A 155 -11.08 -2.80 -8.57
C ALA A 155 -11.15 -2.87 -8.54
N LYS A 156 -10.37 -3.07 -7.46
CA LYS A 156 -10.57 -2.28 -6.25
C LYS A 156 -10.26 -0.81 -6.52
N GLU A 157 -9.25 -0.54 -7.33
CA GLU A 157 -8.85 0.85 -7.62
C GLU A 157 -9.88 1.53 -8.51
N ALA A 158 -10.34 0.84 -9.57
CA ALA A 158 -11.38 1.46 -10.40
C ALA A 158 -12.63 1.71 -9.58
N THR A 159 -12.93 0.82 -8.62
CA THR A 159 -14.10 1.00 -7.78
C THR A 159 -14.00 2.25 -6.93
N TYR A 160 -12.86 2.43 -6.25
CA TYR A 160 -12.68 3.64 -5.45
C TYR A 160 -12.77 4.90 -6.29
N LYS A 161 -12.19 4.88 -7.50
CA LYS A 161 -12.18 6.11 -8.30
C LYS A 161 -13.56 6.45 -8.82
N ALA A 162 -14.41 5.46 -9.06
CA ALA A 162 -15.79 5.74 -9.47
C ALA A 162 -16.65 6.15 -8.27
N TRP A 163 -16.33 5.59 -7.10
CA TRP A 163 -17.04 5.86 -5.86
C TRP A 163 -16.79 7.26 -5.33
N PHE A 164 -15.52 7.67 -5.26
CA PHE A 164 -15.19 8.86 -4.49
C PHE A 164 -15.85 10.14 -5.01
N PRO A 165 -15.90 10.42 -6.30
CA PRO A 165 -16.54 11.67 -6.74
C PRO A 165 -17.99 11.79 -6.33
N LEU A 166 -18.65 10.66 -6.09
CA LEU A 166 -20.08 10.63 -5.77
C LEU A 166 -20.33 10.67 -4.28
N THR A 167 -19.40 10.18 -3.46
CA THR A 167 -19.59 10.13 -2.01
C THR A 167 -18.69 11.09 -1.24
N LYS A 168 -17.53 11.43 -1.79
CA LYS A 168 -16.47 12.15 -1.07
C LYS A 168 -16.11 11.47 0.25
N ARG A 169 -16.19 10.14 0.28
CA ARG A 169 -15.83 9.36 1.45
C ARG A 169 -14.81 8.29 1.08
N TRP A 170 -14.03 7.89 2.10
CA TRP A 170 -13.13 6.76 1.96
C TRP A 170 -13.87 5.47 1.61
N LEU A 171 -13.24 4.63 0.79
CA LEU A 171 -13.68 3.26 0.57
C LEU A 171 -12.45 2.37 0.76
N GLY A 172 -12.45 1.56 1.82
CA GLY A 172 -11.33 0.67 2.04
C GLY A 172 -11.38 -0.56 1.15
N PHE A 173 -10.25 -1.27 1.06
CA PHE A 173 -10.22 -2.51 0.31
C PHE A 173 -11.17 -3.56 0.89
N GLU A 174 -11.47 -3.48 2.19
CA GLU A 174 -12.38 -4.42 2.83
C GLU A 174 -13.84 -3.99 2.72
N ASP A 175 -14.11 -2.84 2.11
CA ASP A 175 -15.44 -2.26 2.09
C ASP A 175 -16.22 -2.60 0.82
N ALA A 176 -15.63 -3.33 -0.11
CA ALA A 176 -16.32 -3.72 -1.33
C ALA A 176 -15.93 -5.15 -1.67
N HIS A 177 -16.93 -5.98 -1.96
CA HIS A 177 -16.73 -7.36 -2.36
C HIS A 177 -16.89 -7.45 -3.87
N ILE A 178 -15.85 -7.92 -4.56
CA ILE A 178 -15.84 -7.92 -6.01
C ILE A 178 -15.90 -9.35 -6.52
N THR A 179 -16.87 -9.60 -7.39
N THR A 179 -16.87 -9.63 -7.38
CA THR A 179 -17.10 -10.90 -8.02
CA THR A 179 -16.96 -10.96 -7.99
C THR A 179 -16.73 -10.79 -9.50
C THR A 179 -16.77 -10.83 -9.49
N PHE A 180 -16.17 -11.86 -10.07
CA PHE A 180 -15.67 -11.83 -11.43
C PHE A 180 -16.32 -12.92 -12.28
N GLU A 181 -16.41 -12.62 -13.57
CA GLU A 181 -16.68 -13.62 -14.59
C GLU A 181 -15.71 -13.42 -15.75
N THR A 182 -15.59 -14.44 -16.58
CA THR A 182 -14.72 -14.40 -17.74
C THR A 182 -15.59 -14.56 -18.98
N ASP A 183 -15.29 -13.76 -20.01
CA ASP A 183 -16.04 -13.89 -21.25
C ASP A 183 -15.75 -15.27 -21.88
N SER A 184 -16.67 -15.68 -22.77
CA SER A 184 -16.54 -17.00 -23.41
C SER A 184 -15.19 -17.17 -24.08
N THR A 185 -14.77 -16.18 -24.86
CA THR A 185 -13.47 -16.19 -25.50
C THR A 185 -12.56 -15.14 -24.86
N GLY A 186 -11.32 -15.51 -24.58
CA GLY A 186 -10.27 -14.54 -24.38
C GLY A 186 -9.99 -14.19 -22.93
N TRP A 187 -9.31 -13.06 -22.77
CA TRP A 187 -8.75 -12.59 -21.50
C TRP A 187 -9.44 -11.34 -21.04
N THR A 188 -10.78 -11.37 -21.04
CA THR A 188 -11.61 -10.25 -20.66
C THR A 188 -12.80 -10.80 -19.90
N GLY A 189 -13.43 -9.92 -19.12
CA GLY A 189 -14.69 -10.29 -18.53
C GLY A 189 -15.25 -9.14 -17.72
N ARG A 190 -16.28 -9.47 -16.96
CA ARG A 190 -17.03 -8.50 -16.17
C ARG A 190 -16.70 -8.70 -14.70
N PHE A 191 -16.93 -7.64 -13.93
CA PHE A 191 -16.93 -7.78 -12.49
C PHE A 191 -18.02 -6.91 -11.89
N VAL A 192 -18.44 -7.26 -10.68
CA VAL A 192 -19.42 -6.49 -9.94
C VAL A 192 -18.84 -6.21 -8.57
N SER A 193 -18.75 -4.94 -8.20
CA SER A 193 -18.31 -4.54 -6.88
C SER A 193 -19.54 -4.24 -6.06
N ARG A 194 -19.72 -4.95 -4.94
CA ARG A 194 -20.84 -4.66 -4.05
C ARG A 194 -20.29 -3.89 -2.85
N ILE A 195 -20.81 -2.68 -2.65
CA ILE A 195 -20.39 -1.86 -1.53
C ILE A 195 -20.98 -2.45 -0.27
N LEU A 196 -20.15 -2.66 0.74
CA LEU A 196 -20.67 -3.25 1.97
C LEU A 196 -21.07 -2.21 2.99
N ILE A 197 -20.53 -1.00 2.87
CA ILE A 197 -20.79 0.10 3.78
C ILE A 197 -21.91 0.95 3.21
N ASP A 198 -22.30 1.99 3.93
CA ASP A 198 -23.37 2.84 3.43
C ASP A 198 -22.91 3.54 2.15
N GLY A 199 -23.75 3.50 1.12
CA GLY A 199 -23.40 4.06 -0.16
C GLY A 199 -24.06 5.39 -0.47
N SER A 200 -24.47 6.14 0.56
CA SER A 200 -25.10 7.44 0.34
C SER A 200 -24.19 8.35 -0.48
N THR A 201 -24.80 9.05 -1.43
CA THR A 201 -24.08 9.94 -2.34
C THR A 201 -24.49 11.39 -2.10
N LEU A 202 -23.70 12.30 -2.67
CA LEU A 202 -24.01 13.73 -2.60
C LEU A 202 -25.34 14.05 -3.26
N SER A 203 -25.61 13.42 -4.40
CA SER A 203 -26.89 13.56 -5.07
C SER A 203 -27.23 12.23 -5.72
N GLY A 204 -28.52 12.04 -5.99
CA GLY A 204 -28.98 10.84 -6.64
C GLY A 204 -29.06 9.67 -5.68
N PRO A 205 -29.35 8.49 -6.22
CA PRO A 205 -29.59 7.31 -5.36
C PRO A 205 -28.29 6.74 -4.83
N PRO A 206 -28.34 6.05 -3.70
CA PRO A 206 -27.11 5.52 -3.11
C PRO A 206 -26.48 4.42 -3.96
N LEU A 207 -25.17 4.25 -3.78
CA LEU A 207 -24.43 3.24 -4.49
C LEU A 207 -24.55 1.91 -3.76
N THR A 208 -24.88 0.86 -4.51
CA THR A 208 -24.90 -0.50 -3.96
C THR A 208 -23.99 -1.42 -4.74
N THR A 209 -24.23 -1.61 -6.03
CA THR A 209 -23.38 -2.37 -6.91
C THR A 209 -22.81 -1.47 -7.99
N LEU A 210 -21.54 -1.69 -8.31
CA LEU A 210 -20.88 -1.00 -9.41
C LEU A 210 -20.38 -2.08 -10.36
N ARG A 211 -20.86 -2.04 -11.60
CA ARG A 211 -20.50 -3.03 -12.60
C ARG A 211 -19.37 -2.51 -13.46
N GLY A 212 -18.35 -3.35 -13.68
CA GLY A 212 -17.18 -2.95 -14.45
C GLY A 212 -16.73 -4.07 -15.37
N ARG A 213 -15.63 -3.80 -16.07
CA ARG A 213 -15.01 -4.77 -16.94
C ARG A 213 -13.51 -4.81 -16.68
N TRP A 214 -12.92 -5.96 -16.98
CA TRP A 214 -11.48 -6.15 -16.85
C TRP A 214 -10.92 -6.74 -18.14
N SER A 215 -9.62 -6.50 -18.36
CA SER A 215 -8.93 -7.03 -19.54
C SER A 215 -7.44 -7.16 -19.26
N VAL A 216 -6.84 -8.25 -19.74
CA VAL A 216 -5.39 -8.43 -19.71
C VAL A 216 -4.90 -8.44 -21.16
N GLU A 217 -3.97 -7.54 -21.47
CA GLU A 217 -3.45 -7.43 -22.84
C GLU A 217 -2.17 -6.62 -22.87
N ARG A 218 -1.18 -7.10 -23.63
N ARG A 218 -1.18 -7.10 -23.63
CA ARG A 218 0.09 -6.42 -23.80
CA ARG A 218 0.09 -6.42 -23.80
C ARG A 218 0.81 -6.16 -22.48
C ARG A 218 0.81 -6.17 -22.47
N GLY A 219 0.69 -7.11 -21.55
CA GLY A 219 1.37 -6.99 -20.28
C GLY A 219 0.74 -6.03 -19.28
N LEU A 220 -0.49 -5.59 -19.54
CA LEU A 220 -1.18 -4.66 -18.66
C LEU A 220 -2.52 -5.23 -18.27
N VAL A 221 -2.95 -4.98 -17.04
CA VAL A 221 -4.32 -5.14 -16.63
C VAL A 221 -5.00 -3.79 -16.76
N LEU A 222 -6.15 -3.75 -17.42
CA LEU A 222 -7.04 -2.59 -17.42
C LEU A 222 -8.37 -2.94 -16.76
N THR A 223 -8.89 -2.02 -15.94
CA THR A 223 -10.26 -2.13 -15.45
C THR A 223 -10.96 -0.80 -15.63
N ALA A 224 -12.28 -0.86 -15.79
CA ALA A 224 -13.05 0.36 -15.87
C ALA A 224 -14.47 0.13 -15.38
N ILE A 225 -15.03 1.15 -14.74
CA ILE A 225 -16.42 1.23 -14.34
C ILE A 225 -17.01 2.49 -14.95
N VAL A 226 -18.14 2.35 -15.65
CA VAL A 226 -18.88 3.50 -16.18
C VAL A 226 -20.30 3.38 -15.64
N LEU A 227 -20.68 4.30 -14.75
CA LEU A 227 -22.01 4.30 -14.15
C LEU A 227 -22.93 5.19 -14.98
N ALA A 228 -24.04 4.63 -15.44
CA ALA A 228 -25.01 5.38 -16.23
C ALA A 228 -25.64 6.50 -15.41
N GLY A 229 -25.89 7.64 -16.06
CA GLY A 229 -26.50 8.77 -15.39
C GLY A 229 -27.99 8.61 -15.21
C GLY B 4 24.26 4.24 17.84
N THR B 5 23.50 3.21 18.20
CA THR B 5 22.50 2.70 17.28
C THR B 5 21.23 3.55 17.34
N LEU B 6 20.49 3.49 16.25
CA LEU B 6 19.17 4.11 16.19
C LEU B 6 18.12 3.28 16.90
N VAL B 7 18.20 1.95 16.78
CA VAL B 7 17.15 1.13 17.37
C VAL B 7 17.22 1.11 18.90
N ALA B 8 18.39 1.36 19.50
CA ALA B 8 18.44 1.32 20.96
C ALA B 8 17.51 2.38 21.56
N SER B 9 17.24 3.47 20.83
CA SER B 9 16.37 4.52 21.33
C SER B 9 14.91 4.09 21.42
N VAL B 10 14.51 2.94 20.87
CA VAL B 10 13.13 2.48 20.99
C VAL B 10 13.02 1.15 21.73
N LEU B 11 14.08 0.72 22.41
CA LEU B 11 14.08 -0.56 23.12
C LEU B 11 14.09 -0.34 24.62
N PRO B 12 13.51 -1.26 25.41
CA PRO B 12 13.61 -1.12 26.87
C PRO B 12 15.06 -1.24 27.34
N ALA B 13 15.31 -0.93 28.61
CA GLU B 17 21.01 -10.60 28.38
C GLU B 17 19.92 -11.45 27.72
N ASP B 18 18.70 -10.90 27.67
CA ASP B 18 17.60 -11.55 27.00
C ASP B 18 17.21 -10.86 25.69
N LEU B 19 17.79 -9.73 25.37
CA LEU B 19 17.43 -9.01 24.17
C LEU B 19 18.70 -8.49 23.54
N ALA B 20 18.80 -8.59 22.21
CA ALA B 20 19.99 -8.13 21.50
C ALA B 20 19.58 -7.54 20.16
N TYR B 21 20.45 -6.70 19.60
CA TYR B 21 20.11 -6.00 18.37
C TYR B 21 21.37 -5.68 17.58
N ALA B 22 21.18 -5.46 16.27
CA ALA B 22 22.27 -5.05 15.39
C ALA B 22 21.66 -4.33 14.20
N GLU B 23 22.37 -3.32 13.70
CA GLU B 23 21.88 -2.59 12.54
C GLU B 23 23.06 -2.12 11.69
N LEU B 24 22.76 -1.92 10.40
CA LEU B 24 23.71 -1.40 9.43
C LEU B 24 22.98 -0.42 8.51
N TYR B 25 23.74 0.47 7.88
CA TYR B 25 23.12 1.52 7.09
C TYR B 25 23.40 1.40 5.60
N SER B 26 24.11 0.36 5.20
CA SER B 26 24.39 0.08 3.80
C SER B 26 24.52 -1.42 3.67
N ASP B 27 24.93 -1.87 2.49
CA ASP B 27 25.09 -3.31 2.25
C ASP B 27 26.57 -3.61 2.04
N PRO B 28 27.25 -4.13 3.06
CA PRO B 28 28.69 -4.42 2.92
C PRO B 28 28.93 -5.45 1.84
N PRO B 29 29.97 -5.25 1.02
CA PRO B 29 30.12 -6.03 -0.23
C PRO B 29 30.44 -7.52 -0.07
N GLY B 30 31.08 -7.96 1.01
CA GLY B 30 31.46 -9.36 1.08
C GLY B 30 30.55 -10.30 1.83
N LEU B 31 29.32 -9.88 2.09
CA LEU B 31 28.35 -10.71 2.78
C LEU B 31 27.62 -11.63 1.80
N THR B 32 27.29 -12.81 2.27
CA THR B 32 26.59 -13.82 1.50
C THR B 32 25.45 -14.39 2.31
N PRO B 33 24.43 -14.95 1.64
CA PRO B 33 23.41 -15.69 2.38
C PRO B 33 23.95 -17.04 2.80
N LEU B 34 23.36 -17.60 3.85
CA LEU B 34 23.63 -18.99 4.15
C LEU B 34 23.04 -19.86 3.05
N PRO B 35 23.59 -21.06 2.83
CA PRO B 35 23.08 -21.93 1.76
C PRO B 35 21.58 -22.16 1.81
N GLU B 36 21.03 -22.32 3.01
CA GLU B 36 19.60 -22.57 3.15
C GLU B 36 18.79 -21.35 2.71
N GLU B 37 19.38 -20.15 2.79
CA GLU B 37 18.70 -18.92 2.44
C GLU B 37 18.79 -18.59 0.96
N ALA B 38 19.87 -19.02 0.30
CA ALA B 38 20.11 -18.64 -1.10
C ALA B 38 18.92 -18.86 -2.03
N PRO B 39 18.18 -19.97 -1.96
CA PRO B 39 17.04 -20.12 -2.88
C PRO B 39 15.98 -19.05 -2.72
N LEU B 40 15.83 -18.48 -1.52
CA LEU B 40 14.79 -17.48 -1.29
C LEU B 40 15.02 -16.21 -2.09
N ILE B 41 16.24 -15.97 -2.58
CA ILE B 41 16.52 -14.77 -3.36
C ILE B 41 17.20 -15.14 -4.68
N ALA B 42 17.07 -16.40 -5.08
CA ALA B 42 17.75 -16.88 -6.28
C ALA B 42 17.41 -16.04 -7.52
N ARG B 43 16.16 -15.62 -7.64
CA ARG B 43 15.71 -14.86 -8.81
C ARG B 43 15.39 -13.40 -8.49
N SER B 44 15.87 -12.89 -7.36
CA SER B 44 15.52 -11.55 -6.91
C SER B 44 16.47 -10.50 -7.49
N VAL B 45 15.94 -9.29 -7.67
CA VAL B 45 16.78 -8.18 -8.11
C VAL B 45 17.84 -7.87 -7.05
N ALA B 46 18.90 -7.18 -7.49
CA ALA B 46 20.05 -6.93 -6.63
C ALA B 46 19.66 -6.21 -5.34
N LYS B 47 18.80 -5.20 -5.44
CA LYS B 47 18.39 -4.44 -4.26
C LYS B 47 17.72 -5.34 -3.23
N ARG B 48 16.92 -6.30 -3.70
CA ARG B 48 16.29 -7.24 -2.78
C ARG B 48 17.30 -8.23 -2.24
N ARG B 49 18.18 -8.75 -3.10
N ARG B 49 18.19 -8.74 -3.09
CA ARG B 49 19.27 -9.61 -2.64
CA ARG B 49 19.24 -9.64 -2.60
C ARG B 49 20.05 -8.95 -1.52
C ARG B 49 20.07 -8.95 -1.51
N ASN B 50 20.47 -7.70 -1.75
CA ASN B 50 21.34 -7.01 -0.80
C ASN B 50 20.67 -6.81 0.55
N GLU B 51 19.43 -6.29 0.56
CA GLU B 51 18.80 -6.03 1.84
C GLU B 51 18.54 -7.31 2.61
N PHE B 52 18.22 -8.40 1.89
CA PHE B 52 17.92 -9.67 2.53
C PHE B 52 19.16 -10.23 3.22
N ILE B 53 20.29 -10.18 2.51
CA ILE B 53 21.57 -10.67 3.03
C ILE B 53 22.03 -9.83 4.21
N THR B 54 21.98 -8.51 4.06
CA THR B 54 22.46 -7.65 5.13
C THR B 54 21.60 -7.76 6.38
N VAL B 55 20.26 -7.79 6.23
CA VAL B 55 19.43 -7.80 7.45
C VAL B 55 19.57 -9.13 8.18
N ARG B 56 19.80 -10.22 7.44
CA ARG B 56 20.00 -11.51 8.09
C ARG B 56 21.38 -11.63 8.73
N HIS B 57 22.38 -10.92 8.20
CA HIS B 57 23.65 -10.82 8.91
C HIS B 57 23.47 -10.08 10.24
N CYS B 58 22.73 -8.97 10.21
CA CYS B 58 22.39 -8.28 11.45
C CYS B 58 21.70 -9.22 12.42
N ALA B 59 20.73 -10.00 11.93
CA ALA B 59 20.06 -10.94 12.82
C ALA B 59 21.03 -11.92 13.44
N ARG B 60 21.97 -12.43 12.64
CA ARG B 60 22.95 -13.38 13.19
C ARG B 60 23.91 -12.71 14.18
N ILE B 61 24.27 -11.46 13.94
CA ILE B 61 25.07 -10.73 14.92
C ILE B 61 24.32 -10.62 16.24
N ALA B 62 23.01 -10.31 16.18
CA ALA B 62 22.22 -10.22 17.39
C ALA B 62 22.04 -11.58 18.07
N LEU B 63 21.74 -12.62 17.28
CA LEU B 63 21.58 -13.96 17.85
C LEU B 63 22.88 -14.44 18.49
N ASP B 64 24.01 -14.05 17.92
CA ASP B 64 25.29 -14.47 18.51
C ASP B 64 25.46 -13.91 19.92
N GLN B 65 24.99 -12.68 20.15
N GLN B 65 24.96 -12.69 20.15
CA GLN B 65 25.04 -12.13 21.50
CA GLN B 65 25.04 -12.11 21.48
C GLN B 65 24.26 -12.99 22.48
C GLN B 65 24.20 -12.88 22.49
N LEU B 66 23.17 -13.59 22.01
CA LEU B 66 22.36 -14.48 22.84
C LEU B 66 22.89 -15.90 22.83
N GLY B 67 24.09 -16.14 22.32
CA GLY B 67 24.70 -17.46 22.37
C GLY B 67 24.32 -18.41 21.27
N VAL B 68 23.67 -17.95 20.21
CA VAL B 68 23.12 -18.83 19.19
C VAL B 68 24.11 -18.91 18.03
N PRO B 69 24.47 -20.11 17.56
CA PRO B 69 25.37 -20.20 16.41
C PRO B 69 24.71 -19.64 15.17
N PRO B 70 25.50 -19.18 14.19
CA PRO B 70 24.92 -18.68 12.95
C PRO B 70 23.99 -19.70 12.32
N ALA B 71 22.79 -19.25 11.97
CA ALA B 71 21.74 -20.13 11.48
C ALA B 71 20.96 -19.41 10.40
N PRO B 72 20.38 -20.15 9.45
CA PRO B 72 19.55 -19.51 8.44
C PRO B 72 18.24 -19.01 9.05
N ILE B 73 17.78 -17.90 8.49
N ILE B 73 17.76 -17.90 8.52
CA ILE B 73 16.52 -17.25 8.82
CA ILE B 73 16.46 -17.38 8.93
C ILE B 73 15.60 -17.46 7.62
C ILE B 73 15.58 -17.45 7.70
N LEU B 74 14.79 -18.51 7.62
CA LEU B 74 13.89 -18.75 6.49
C LEU B 74 12.60 -17.96 6.70
N LYS B 75 11.63 -18.16 5.81
CA LYS B 75 10.40 -17.37 5.80
C LYS B 75 9.22 -18.33 5.81
N GLY B 76 8.20 -17.98 6.58
CA GLY B 76 7.00 -18.77 6.71
C GLY B 76 6.01 -18.43 5.61
N ASP B 77 4.82 -19.01 5.73
CA ASP B 77 3.84 -18.90 4.64
C ASP B 77 3.41 -17.45 4.40
N LYS B 78 3.35 -16.62 5.45
CA LYS B 78 3.01 -15.20 5.29
C LYS B 78 4.25 -14.31 5.30
N GLY B 79 5.42 -14.87 4.98
CA GLY B 79 6.65 -14.11 4.88
C GLY B 79 7.37 -13.90 6.19
N GLU B 80 6.81 -14.42 7.29
CA GLU B 80 7.35 -14.15 8.60
C GLU B 80 8.68 -14.87 8.79
N PRO B 81 9.64 -14.26 9.47
CA PRO B 81 10.94 -14.92 9.66
C PRO B 81 10.82 -16.09 10.63
N CYS B 82 11.64 -17.11 10.36
CA CYS B 82 11.67 -18.34 11.16
C CYS B 82 12.95 -18.32 12.01
N TRP B 83 12.79 -18.16 13.33
CA TRP B 83 13.87 -17.98 14.29
C TRP B 83 14.37 -19.32 14.82
N PRO B 84 15.62 -19.37 15.27
CA PRO B 84 16.13 -20.57 15.92
C PRO B 84 15.29 -20.91 17.15
N ASP B 85 15.37 -22.16 17.57
CA ASP B 85 14.54 -22.61 18.67
C ASP B 85 14.80 -21.79 19.93
N GLY B 86 13.71 -21.40 20.59
CA GLY B 86 13.77 -20.62 21.81
C GLY B 86 13.97 -19.13 21.60
N MET B 87 13.96 -18.64 20.37
N MET B 87 13.98 -18.65 20.37
CA MET B 87 14.24 -17.24 20.08
CA MET B 87 14.23 -17.26 20.05
C MET B 87 13.09 -16.61 19.29
C MET B 87 13.00 -16.64 19.40
N VAL B 88 12.87 -15.33 19.55
CA VAL B 88 11.89 -14.51 18.83
C VAL B 88 12.64 -13.30 18.28
N GLY B 89 12.02 -12.59 17.36
CA GLY B 89 12.71 -11.43 16.80
C GLY B 89 11.89 -10.72 15.74
N SER B 90 12.48 -9.63 15.23
CA SER B 90 11.88 -8.91 14.13
C SER B 90 12.96 -8.30 13.24
N LEU B 91 12.63 -8.11 11.95
CA LEU B 91 13.55 -7.57 10.96
C LEU B 91 12.89 -6.40 10.25
N THR B 92 13.71 -5.44 9.80
CA THR B 92 13.17 -4.37 8.96
C THR B 92 14.28 -3.83 8.06
N HIS B 93 13.90 -3.39 6.85
CA HIS B 93 14.82 -2.70 5.96
C HIS B 93 14.09 -1.61 5.21
N CYS B 94 14.76 -0.48 5.08
CA CYS B 94 14.29 0.60 4.22
C CYS B 94 15.52 1.27 3.66
N ALA B 95 15.32 2.32 2.88
CA ALA B 95 16.48 3.04 2.36
C ALA B 95 17.35 3.50 3.53
N GLY B 96 18.63 3.17 3.46
CA GLY B 96 19.57 3.56 4.48
C GLY B 96 19.51 2.83 5.79
N TYR B 97 18.77 1.72 5.88
CA TYR B 97 18.67 1.04 7.16
C TYR B 97 18.39 -0.44 7.00
N ARG B 98 19.11 -1.24 7.79
CA ARG B 98 18.81 -2.65 8.00
C ARG B 98 18.95 -2.91 9.48
N GLY B 99 17.96 -3.57 10.09
CA GLY B 99 18.01 -3.80 11.52
C GLY B 99 17.35 -5.07 11.96
N ALA B 100 17.82 -5.61 13.07
CA ALA B 100 17.26 -6.82 13.66
C ALA B 100 17.27 -6.67 15.16
N VAL B 101 16.19 -7.13 15.80
CA VAL B 101 16.15 -7.22 17.25
C VAL B 101 15.68 -8.62 17.58
N VAL B 102 16.38 -9.31 18.49
CA VAL B 102 16.05 -10.68 18.82
C VAL B 102 15.97 -10.85 20.34
N GLY B 103 15.15 -11.80 20.77
CA GLY B 103 14.98 -12.03 22.19
C GLY B 103 14.86 -13.51 22.51
N ARG B 104 15.22 -13.82 23.75
CA ARG B 104 15.04 -15.15 24.31
C ARG B 104 13.58 -15.34 24.69
N ARG B 105 12.96 -16.41 24.17
CA ARG B 105 11.51 -16.56 24.26
C ARG B 105 11.02 -16.68 25.70
N ASP B 106 11.84 -17.23 26.61
N ASP B 106 11.80 -17.29 26.59
CA ASP B 106 11.42 -17.34 28.00
CA ASP B 106 11.42 -17.32 27.99
C ASP B 106 11.22 -15.97 28.64
C ASP B 106 11.09 -15.91 28.48
N ALA B 107 11.99 -14.96 28.22
CA ALA B 107 11.85 -13.61 28.74
C ALA B 107 11.12 -12.67 27.79
N VAL B 108 11.06 -12.99 26.50
CA VAL B 108 10.51 -12.07 25.51
C VAL B 108 9.48 -12.83 24.69
N ARG B 109 8.21 -12.41 24.78
CA ARG B 109 7.14 -13.10 24.09
C ARG B 109 7.14 -12.80 22.59
N SER B 110 7.41 -11.55 22.22
CA SER B 110 7.41 -11.19 20.82
C SER B 110 8.14 -9.86 20.68
N VAL B 111 8.66 -9.64 19.48
CA VAL B 111 9.27 -8.37 19.08
C VAL B 111 8.69 -7.96 17.74
N GLY B 112 8.45 -6.65 17.57
CA GLY B 112 8.20 -6.12 16.24
C GLY B 112 8.93 -4.80 16.08
N ILE B 113 9.58 -4.59 14.95
CA ILE B 113 10.31 -3.35 14.72
C ILE B 113 10.03 -2.87 13.31
N ASP B 114 10.25 -1.56 13.09
CA ASP B 114 10.10 -1.02 11.75
C ASP B 114 10.94 0.24 11.61
N ALA B 115 11.43 0.45 10.41
CA ALA B 115 12.18 1.66 10.07
C ALA B 115 11.66 2.24 8.77
N GLU B 116 11.55 3.56 8.72
CA GLU B 116 11.13 4.23 7.49
C GLU B 116 11.90 5.53 7.36
N PRO B 117 12.11 6.00 6.14
CA PRO B 117 12.60 7.37 5.96
C PRO B 117 11.62 8.37 6.58
N HIS B 118 12.18 9.38 7.25
CA HIS B 118 11.34 10.38 7.92
C HIS B 118 10.91 11.45 6.92
N ASP B 119 9.99 11.04 6.06
CA ASP B 119 9.40 11.83 5.00
C ASP B 119 7.89 11.80 5.14
N VAL B 120 7.23 12.82 4.61
CA VAL B 120 5.77 12.77 4.45
C VAL B 120 5.37 11.51 3.68
N LEU B 121 4.21 10.93 4.00
CA LEU B 121 3.71 9.82 3.23
C LEU B 121 3.31 10.28 1.83
N PRO B 122 3.46 9.42 0.82
CA PRO B 122 2.93 9.78 -0.50
C PRO B 122 1.44 10.07 -0.41
N ASN B 123 0.95 10.94 -1.28
CA ASN B 123 -0.46 11.31 -1.22
C ASN B 123 -1.33 10.06 -1.37
N GLY B 124 -2.38 10.00 -0.55
CA GLY B 124 -3.30 8.89 -0.58
C GLY B 124 -2.98 7.78 0.39
N VAL B 125 -1.73 7.67 0.83
CA VAL B 125 -1.37 6.53 1.68
C VAL B 125 -1.89 6.71 3.10
N LEU B 126 -1.92 7.95 3.62
CA LEU B 126 -2.38 8.14 5.00
C LEU B 126 -3.77 7.57 5.22
N ASP B 127 -4.72 7.84 4.32
CA ASP B 127 -6.07 7.33 4.51
C ASP B 127 -6.11 5.80 4.50
N ALA B 128 -5.15 5.15 3.84
CA ALA B 128 -5.15 3.68 3.78
C ALA B 128 -4.51 3.05 5.00
N ILE B 129 -3.80 3.79 5.84
CA ILE B 129 -3.11 3.16 6.96
C ILE B 129 -3.55 3.70 8.30
N SER B 130 -4.50 4.62 8.35
CA SER B 130 -4.89 5.27 9.59
C SER B 130 -6.39 5.17 9.82
N LEU B 131 -6.76 5.37 11.07
CA LEU B 131 -8.13 5.58 11.46
C LEU B 131 -8.40 7.07 11.57
N PRO B 132 -9.65 7.50 11.36
CA PRO B 132 -9.96 8.92 11.53
C PRO B 132 -9.53 9.45 12.89
N ALA B 133 -9.64 8.65 13.95
CA ALA B 133 -9.25 9.13 15.27
C ALA B 133 -7.76 9.43 15.36
N GLU B 134 -6.94 8.65 14.65
CA GLU B 134 -5.49 8.89 14.67
C GLU B 134 -5.16 10.17 13.91
N ARG B 135 -5.82 10.41 12.78
CA ARG B 135 -5.55 11.64 12.05
C ARG B 135 -5.95 12.86 12.87
N ALA B 136 -6.98 12.73 13.71
CA ALA B 136 -7.40 13.85 14.55
C ALA B 136 -6.46 14.06 15.75
N ASP B 137 -5.96 12.97 16.36
CA ASP B 137 -5.28 13.08 17.64
C ASP B 137 -3.78 13.22 17.52
N MET B 138 -3.17 12.65 16.49
CA MET B 138 -1.71 12.66 16.48
C MET B 138 -1.13 14.06 16.29
N PRO B 139 -1.71 14.95 15.49
CA PRO B 139 -1.18 16.32 15.48
C PRO B 139 -1.17 16.98 16.85
N ARG B 140 -2.05 16.56 17.76
CA ARG B 140 -2.12 17.14 19.11
C ARG B 140 -1.09 16.55 20.06
N THR B 141 -0.58 15.34 19.78
CA THR B 141 0.31 14.63 20.69
C THR B 141 1.76 14.56 20.23
N MET B 142 2.05 15.04 19.02
CA MET B 142 3.35 14.93 18.39
C MET B 142 3.94 16.31 18.14
N PRO B 143 5.27 16.43 18.16
CA PRO B 143 5.88 17.74 17.91
C PRO B 143 5.55 18.27 16.52
N ALA B 144 5.38 19.59 16.43
CA ALA B 144 5.09 20.19 15.14
C ALA B 144 6.18 19.85 14.12
N ALA B 145 5.75 19.75 12.86
CA ALA B 145 6.59 19.53 11.70
C ALA B 145 7.20 18.14 11.58
N LEU B 146 7.17 17.32 12.63
CA LEU B 146 7.54 15.92 12.42
C LEU B 146 6.47 15.25 11.54
N HIS B 147 6.89 14.22 10.79
CA HIS B 147 5.96 13.54 9.88
C HIS B 147 5.20 12.47 10.66
N TRP B 148 4.19 12.94 11.39
CA TRP B 148 3.43 12.04 12.26
C TRP B 148 2.71 10.96 11.45
N ASP B 149 2.39 11.26 10.19
CA ASP B 149 1.75 10.28 9.32
C ASP B 149 2.68 9.10 9.03
N ARG B 150 3.94 9.39 8.71
CA ARG B 150 4.96 8.35 8.54
C ARG B 150 5.23 7.60 9.85
N ILE B 151 5.28 8.33 10.98
CA ILE B 151 5.54 7.69 12.26
C ILE B 151 4.40 6.74 12.64
N LEU B 152 3.16 7.17 12.42
CA LEU B 152 1.99 6.30 12.63
C LEU B 152 2.11 5.04 11.79
N PHE B 153 2.41 5.20 10.51
CA PHE B 153 2.59 4.02 9.65
C PHE B 153 3.65 3.07 10.22
N CYS B 154 4.78 3.62 10.64
N CYS B 154 4.80 3.61 10.64
CA CYS B 154 5.86 2.82 11.21
CA CYS B 154 5.84 2.73 11.21
C CYS B 154 5.38 2.02 12.43
C CYS B 154 5.32 1.98 12.42
N ALA B 155 4.58 2.66 13.29
CA ALA B 155 4.04 1.98 14.47
C ALA B 155 3.04 0.91 14.06
N LYS B 156 2.24 1.13 13.01
CA LYS B 156 1.35 0.09 12.52
C LYS B 156 2.12 -1.15 12.07
N GLU B 157 3.29 -0.93 11.44
CA GLU B 157 4.09 -2.04 10.94
C GLU B 157 4.73 -2.81 12.08
N ALA B 158 5.27 -2.09 13.07
CA ALA B 158 5.84 -2.77 14.24
C ALA B 158 4.76 -3.55 14.96
N THR B 159 3.54 -3.00 15.02
CA THR B 159 2.43 -3.69 15.69
C THR B 159 2.11 -4.99 14.99
N TYR B 160 1.96 -4.95 13.66
CA TYR B 160 1.69 -6.19 12.91
C TYR B 160 2.80 -7.22 13.12
N LYS B 161 4.06 -6.79 13.11
CA LYS B 161 5.15 -7.77 13.22
C LYS B 161 5.22 -8.37 14.62
N ALA B 162 4.81 -7.66 15.66
CA ALA B 162 4.79 -8.25 16.99
C ALA B 162 3.58 -9.16 17.18
N TRP B 163 2.47 -8.80 16.52
CA TRP B 163 1.22 -9.52 16.58
C TRP B 163 1.28 -10.85 15.85
N PHE B 164 1.76 -10.86 14.61
CA PHE B 164 1.58 -12.03 13.76
C PHE B 164 2.20 -13.30 14.31
N PRO B 165 3.42 -13.31 14.86
CA PRO B 165 3.99 -14.58 15.34
C PRO B 165 3.17 -15.22 16.43
N LEU B 166 2.37 -14.44 17.16
CA LEU B 166 1.60 -14.96 18.29
C LEU B 166 0.19 -15.39 17.88
N THR B 167 -0.36 -14.79 16.83
CA THR B 167 -1.74 -15.10 16.41
C THR B 167 -1.79 -15.87 15.11
N LYS B 168 -0.79 -15.69 14.25
CA LYS B 168 -0.78 -16.18 12.89
C LYS B 168 -2.02 -15.72 12.11
N ARG B 169 -2.53 -14.55 12.44
CA ARG B 169 -3.67 -13.99 11.74
C ARG B 169 -3.37 -12.59 11.23
N TRP B 170 -4.17 -12.17 10.24
CA TRP B 170 -4.11 -10.82 9.70
C TRP B 170 -4.38 -9.77 10.77
N LEU B 171 -3.71 -8.62 10.63
CA LEU B 171 -4.10 -7.41 11.36
C LEU B 171 -4.13 -6.27 10.36
N GLY B 172 -5.30 -5.75 10.08
CA GLY B 172 -5.38 -4.65 9.12
C GLY B 172 -4.98 -3.32 9.75
N PHE B 173 -4.72 -2.33 8.88
CA PHE B 173 -4.42 -0.99 9.40
C PHE B 173 -5.56 -0.40 10.20
N GLU B 174 -6.80 -0.82 9.92
CA GLU B 174 -7.95 -0.33 10.65
C GLU B 174 -8.24 -1.14 11.91
N ASP B 175 -7.46 -2.19 12.17
CA ASP B 175 -7.72 -3.13 13.26
C ASP B 175 -6.90 -2.80 14.51
N ALA B 176 -6.08 -1.77 14.47
CA ALA B 176 -5.33 -1.38 15.65
C ALA B 176 -5.38 0.13 15.75
N HIS B 177 -5.74 0.63 16.91
CA HIS B 177 -5.79 2.07 17.16
C HIS B 177 -4.60 2.45 18.01
N ILE B 178 -3.77 3.38 17.52
CA ILE B 178 -2.50 3.70 18.14
C ILE B 178 -2.54 5.13 18.68
N THR B 179 -2.30 5.25 19.99
CA THR B 179 -2.20 6.52 20.69
C THR B 179 -0.73 6.83 20.96
N PHE B 180 -0.33 8.09 20.76
CA PHE B 180 1.06 8.51 20.90
C PHE B 180 1.25 9.51 22.03
N GLU B 181 2.44 9.48 22.62
CA GLU B 181 2.90 10.58 23.45
C GLU B 181 4.35 10.89 23.11
N THR B 182 4.79 12.08 23.51
CA THR B 182 6.14 12.55 23.21
C THR B 182 6.91 12.81 24.50
N ASP B 183 8.17 12.38 24.51
CA ASP B 183 9.08 12.63 25.62
C ASP B 183 9.39 14.13 25.74
N SER B 184 9.95 14.49 26.90
CA SER B 184 10.35 15.87 27.19
C SER B 184 11.23 16.47 26.09
N THR B 185 12.09 15.64 25.50
CA THR B 185 13.13 16.11 24.59
C THR B 185 12.72 16.12 23.11
N GLY B 186 11.52 15.66 22.78
CA GLY B 186 10.87 16.07 21.55
C GLY B 186 11.02 15.17 20.34
N TRP B 187 12.00 14.26 20.32
CA TRP B 187 12.16 13.46 19.10
C TRP B 187 12.02 11.96 19.38
N THR B 188 11.48 11.61 20.53
CA THR B 188 11.23 10.23 20.93
C THR B 188 9.95 10.19 21.76
N GLY B 189 9.35 9.01 21.85
CA GLY B 189 8.22 8.89 22.76
C GLY B 189 7.67 7.48 22.74
N ARG B 190 6.50 7.35 23.34
CA ARG B 190 5.82 6.07 23.51
C ARG B 190 4.61 6.01 22.59
N PHE B 191 4.19 4.79 22.29
CA PHE B 191 2.88 4.63 21.67
C PHE B 191 2.22 3.41 22.27
N VAL B 192 0.89 3.36 22.20
CA VAL B 192 0.12 2.22 22.68
C VAL B 192 -0.82 1.79 21.56
N SER B 193 -0.69 0.53 21.12
CA SER B 193 -1.57 -0.01 20.09
C SER B 193 -2.66 -0.84 20.75
N ARG B 194 -3.91 -0.46 20.55
CA ARG B 194 -5.05 -1.21 21.08
C ARG B 194 -5.70 -1.97 19.94
N ILE B 195 -5.76 -3.29 20.10
CA ILE B 195 -6.29 -4.19 19.09
C ILE B 195 -7.81 -4.16 19.13
N LEU B 196 -8.43 -3.96 17.97
CA LEU B 196 -9.86 -3.82 17.83
C LEU B 196 -10.56 -5.11 17.44
N ILE B 197 -9.79 -6.15 17.11
CA ILE B 197 -10.31 -7.45 16.70
C ILE B 197 -9.96 -8.50 17.75
N ASP B 198 -10.46 -9.72 17.55
CA ASP B 198 -10.21 -10.80 18.50
C ASP B 198 -8.70 -11.06 18.57
N GLY B 199 -8.16 -11.07 19.80
CA GLY B 199 -6.73 -11.20 19.98
C GLY B 199 -6.26 -12.56 20.48
N SER B 200 -7.06 -13.60 20.28
CA SER B 200 -6.68 -14.94 20.74
C SER B 200 -5.32 -15.35 20.17
N THR B 201 -4.48 -15.95 21.02
CA THR B 201 -3.15 -16.33 20.60
C THR B 201 -2.98 -17.85 20.66
N LEU B 202 -1.89 -18.31 20.05
CA LEU B 202 -1.57 -19.73 20.12
C LEU B 202 -1.38 -20.18 21.56
N SER B 203 -0.73 -19.36 22.38
CA SER B 203 -0.57 -19.64 23.79
C SER B 203 -0.54 -18.33 24.56
N GLY B 204 -0.84 -18.41 25.85
CA GLY B 204 -0.81 -17.25 26.71
C GLY B 204 -2.04 -16.38 26.52
N PRO B 205 -2.06 -15.22 27.17
CA PRO B 205 -3.26 -14.38 27.18
C PRO B 205 -3.44 -13.65 25.85
N PRO B 206 -4.66 -13.24 25.54
CA PRO B 206 -4.91 -12.59 24.25
C PRO B 206 -4.22 -11.25 24.16
N LEU B 207 -3.89 -10.85 22.92
CA LEU B 207 -3.25 -9.57 22.65
C LEU B 207 -4.32 -8.50 22.51
N THR B 208 -4.36 -7.55 23.46
N THR B 208 -4.32 -7.57 23.46
CA THR B 208 -5.24 -6.39 23.34
CA THR B 208 -5.26 -6.47 23.53
C THR B 208 -4.50 -5.08 23.35
C THR B 208 -4.59 -5.09 23.50
N THR B 209 -3.38 -4.99 24.05
CA THR B 209 -2.66 -3.75 24.15
C THR B 209 -1.19 -4.04 23.90
N LEU B 210 -0.56 -3.30 23.00
CA LEU B 210 0.86 -3.47 22.73
C LEU B 210 1.54 -2.12 22.91
N ARG B 211 2.48 -2.04 23.84
CA ARG B 211 3.16 -0.78 24.13
C ARG B 211 4.49 -0.75 23.39
N GLY B 212 4.78 0.37 22.72
CA GLY B 212 6.01 0.50 21.96
C GLY B 212 6.63 1.87 22.15
N ARG B 213 7.72 2.10 21.42
CA ARG B 213 8.41 3.39 21.40
C ARG B 213 8.72 3.79 19.97
N TRP B 214 8.83 5.09 19.76
CA TRP B 214 9.18 5.66 18.48
C TRP B 214 10.32 6.64 18.65
N SER B 215 11.05 6.86 17.56
CA SER B 215 12.18 7.78 17.56
C SER B 215 12.41 8.30 16.15
N VAL B 216 12.72 9.59 16.05
CA VAL B 216 13.14 10.19 14.79
C VAL B 216 14.58 10.64 14.96
N GLU B 217 15.47 10.16 14.09
CA GLU B 217 16.89 10.52 14.20
C GLU B 217 17.59 10.19 12.89
N ARG B 218 18.42 11.11 12.42
N ARG B 218 18.43 11.11 12.42
CA ARG B 218 19.24 10.93 11.23
CA ARG B 218 19.24 10.93 11.22
C ARG B 218 18.39 10.61 9.99
C ARG B 218 18.39 10.60 9.99
N GLY B 219 17.23 11.24 9.89
CA GLY B 219 16.38 11.08 8.72
C GLY B 219 15.57 9.80 8.70
N LEU B 220 15.54 9.07 9.81
CA LEU B 220 14.83 7.79 9.90
C LEU B 220 13.85 7.81 11.07
N VAL B 221 12.72 7.15 10.87
CA VAL B 221 11.81 6.78 11.96
C VAL B 221 12.11 5.35 12.35
N LEU B 222 12.30 5.10 13.64
CA LEU B 222 12.37 3.75 14.18
C LEU B 222 11.21 3.53 15.13
N THR B 223 10.60 2.34 15.07
CA THR B 223 9.64 1.95 16.11
C THR B 223 9.94 0.54 16.56
N ALA B 224 9.60 0.24 17.81
CA ALA B 224 9.77 -1.12 18.30
C ALA B 224 8.77 -1.41 19.38
N ILE B 225 8.33 -2.66 19.40
CA ILE B 225 7.52 -3.24 20.46
C ILE B 225 8.25 -4.48 20.97
N VAL B 226 8.44 -4.57 22.29
CA VAL B 226 9.00 -5.76 22.93
C VAL B 226 7.98 -6.20 23.98
N LEU B 227 7.34 -7.35 23.76
CA LEU B 227 6.35 -7.86 24.68
C LEU B 227 7.02 -8.81 25.67
N ALA B 228 6.85 -8.52 26.95
CA ALA B 228 7.46 -9.35 27.99
C ALA B 228 6.89 -10.77 27.98
N GLY B 229 7.76 -11.74 28.23
CA GLY B 229 7.35 -13.12 28.30
C GLY B 229 6.70 -13.46 29.63
N1A COA C . -10.87 9.75 -6.37
C2A COA C . -10.76 9.61 -7.73
N3A COA C . -9.67 9.67 -8.47
C4A COA C . -8.53 9.93 -7.77
C5A COA C . -8.51 10.10 -6.35
C6A COA C . -9.73 10.01 -5.69
N6A COA C . -9.84 10.18 -4.31
N7A COA C . -7.20 10.33 -5.93
C8A COA C . -6.49 10.31 -7.07
N9A COA C . -7.27 10.07 -8.21
C1B COA C . -6.79 9.95 -9.66
C2B COA C . -5.86 11.15 -9.98
O2B COA C . -6.32 11.73 -11.15
C3B COA C . -4.43 10.45 -10.04
O3B COA C . -3.64 10.95 -10.98
P3B COA C . -2.96 12.55 -10.85
O7A COA C . -2.40 12.48 -9.47
O8A COA C . -4.15 13.44 -11.11
O9A COA C . -1.94 12.53 -11.99
C4B COA C . -4.90 9.07 -10.52
O4B COA C . -6.12 8.82 -9.81
C5B COA C . -3.82 8.06 -10.26
O5B COA C . -4.28 6.90 -10.65
P1A COA C . -3.28 5.61 -10.41
O1A COA C . -3.19 5.57 -8.89
O2A COA C . -2.03 5.97 -11.18
O3A COA C . -4.04 4.40 -10.95
C10 17I D . -4.45 4.48 -3.45
C12 17I D . -6.62 3.45 -2.79
C14 17I D . -8.69 2.08 -2.56
C16 17I D . -10.67 0.56 -2.50
C01 17I D . -2.61 2.62 -0.48
C02 17I D . -3.64 2.88 -1.55
C03 17I D . -3.53 4.14 -2.42
C04 17I D . -2.46 5.00 -2.18
C05 17I D . -2.29 6.17 -2.94
C06 17I D . -3.23 6.48 -3.95
C07 17I D . -4.30 5.61 -4.20
C08 17I D . -5.26 5.99 -5.28
C09 17I D . -6.45 6.80 -4.86
N11 17I D . -5.51 3.55 -3.63
N13 17I D . -7.50 2.44 -3.17
N15 17I D . -9.39 1.05 -3.11
N18 17I D . -9.08 2.72 -1.47
O19 17I D . -6.81 4.15 -1.83
MG MG E . -0.03 6.11 -11.17
MG MG F . -3.77 2.58 -10.12
MG MG G . 5.61 -6.01 -17.67
C1 GOL H . -9.23 -10.30 6.60
O1 GOL H . -8.24 -11.26 6.31
C2 GOL H . -9.12 -9.25 5.46
O2 GOL H . -9.26 -9.86 4.21
C3 GOL H . -10.25 -8.19 5.73
O3 GOL H . -9.89 -7.44 6.91
S DMS I . -9.28 13.21 6.90
O DMS I . -9.09 14.52 6.20
C1 DMS I . -9.27 13.49 8.70
C2 DMS I . -10.97 12.62 6.63
S DMS J . 1.89 -1.79 -5.93
O DMS J . 1.65 -3.24 -5.70
C1 DMS J . 0.51 -1.09 -6.88
C2 DMS J . 1.67 -0.89 -4.37
S DMS K . 6.68 5.21 -13.90
O DMS K . 7.45 6.24 -13.14
C1 DMS K . 7.80 4.30 -15.00
C2 DMS K . 6.23 3.87 -12.78
N1A COA L . 4.93 -11.16 10.50
C2A COA L . 6.12 -10.74 11.03
N3A COA L . 7.22 -10.32 10.39
C4A COA L . 7.08 -10.34 9.02
C5A COA L . 5.89 -10.75 8.34
C6A COA L . 4.82 -11.18 9.14
N6A COA L . 3.60 -11.61 8.63
N7A COA L . 6.05 -10.66 6.96
C8A COA L . 7.31 -10.21 6.83
N9A COA L . 7.98 -10.01 8.04
C1B COA L . 9.39 -9.49 8.23
C2B COA L . 10.36 -10.24 7.29
O2B COA L . 11.43 -10.68 8.04
C3B COA L . 10.70 -9.13 6.18
O3B COA L . 11.97 -9.13 5.78
P3B COA L . 12.53 -10.41 4.73
O7A COA L . 12.55 -11.63 5.64
O8A COA L . 11.44 -10.50 3.65
O9A COA L . 13.83 -9.84 4.29
C4B COA L . 10.51 -7.88 7.05
O4B COA L . 9.40 -8.16 7.90
C5B COA L . 10.30 -6.69 6.16
O5B COA L . 10.26 -5.64 6.99
P1A COA L . 10.00 -4.16 6.29
O1A COA L . 9.83 -3.19 7.44
O2A COA L . 8.68 -4.42 5.58
O3A COA L . 11.19 -3.90 5.42
C10 17I M . 2.98 -5.10 4.61
C12 17I M . 1.34 -4.84 6.43
C14 17I M . 0.00 -4.21 8.43
C16 17I M . -1.17 -3.38 10.46
C01 17I M . 0.31 -3.39 2.40
C02 17I M . 1.38 -3.44 3.46
C03 17I M . 2.39 -4.58 3.44
C04 17I M . 2.76 -5.10 2.20
C05 17I M . 3.70 -6.14 2.11
C06 17I M . 4.26 -6.67 3.30
C07 17I M . 3.91 -6.15 4.55
C08 17I M . 4.57 -6.79 5.79
C09 17I M . 5.35 -5.93 6.78
N11 17I M . 2.53 -4.50 5.80
N13 17I M . 1.07 -4.10 7.59
N15 17I M . -0.04 -3.37 9.52
N18 17I M . -0.96 -5.10 8.18
O19 17I M . 0.56 -5.69 6.04
C10 17I N . -0.39 -0.27 0.51
C10 17I N . -0.61 -0.09 0.24
C12 17I N . 1.45 0.87 -1.07
C12 17I N . 1.83 -0.05 -0.76
C14 17I N . 1.26 3.21 -2.19
C14 17I N . 4.15 0.62 -1.95
C16 17I N . 3.08 4.20 -3.66
C16 17I N . 6.22 -0.80 -2.25
C01 17I N . 1.75 0.76 2.86
C01 17I N . 1.13 0.90 3.08
C02 17I N . 0.57 1.43 2.17
C02 17I N . -0.04 1.41 2.25
C03 17I N . -0.51 0.51 1.68
C03 17I N . -0.88 0.38 1.56
C04 17I N . -1.68 0.46 2.45
C04 17I N . -1.95 -0.15 2.28
C05 17I N . -2.75 -0.38 2.09
C05 17I N . -2.79 -1.13 1.72
C06 17I N . -2.63 -1.16 0.91
C06 17I N . -2.53 -1.58 0.41
C07 17I N . -1.46 -1.13 0.14
C07 17I N . -1.45 -1.07 -0.32
C08 17I N . -1.43 -1.99 -1.08
C08 17I N . -1.26 -1.61 -1.72
C09 17I N . -1.97 -1.38 -2.37
C09 17I N . -1.56 -0.65 -2.87
N11 17I N . 0.87 -0.19 -0.23
N11 17I N . 0.52 0.52 -0.44
N13 17I N . 0.72 2.12 -1.34
N13 17I N . 2.77 0.85 -1.47
N15 17I N . 2.54 3.12 -2.82
N15 17I N . 4.84 -0.61 -1.78
N18 17I N . 0.57 4.31 -2.40
N18 17I N . 4.77 1.61 -2.56
O19 17I N . 2.54 0.74 -1.58
O19 17I N . 2.16 -1.18 -0.47
MG MG O . 8.58 -1.60 7.19
MG MG P . 11.96 -3.44 3.69
MG MG Q . 15.91 10.90 3.77
MG MG R . -13.86 -4.72 13.22
S DMS S . 5.31 2.93 1.25
O DMS S . 4.31 1.83 1.41
C1 DMS S . 4.49 4.52 1.48
C2 DMS S . 6.41 2.95 2.70
#